data_2VE9
#
_entry.id   2VE9
#
_cell.length_a   137.937
_cell.length_b   63.073
_cell.length_c   76.026
_cell.angle_alpha   90.00
_cell.angle_beta   118.76
_cell.angle_gamma   90.00
#
_symmetry.space_group_name_H-M   'C 1 2 1'
#
loop_
_entity.id
_entity.type
_entity.pdbx_description
1 polymer 'DNA TRANSLOCASE FTSK'
2 polymer "5'-D(*AP*CP*CP*AP*GP*GP*GP*CP*AP*GP *GP*GP*CP*GP*AP*C)-3'"
3 polymer "5'-D(*GP*TP*CP*GP*CP*CP*CP*TP*GP*CP *CP*CP*TP*GP*GP*T)-3'"
4 non-polymer 'MAGNESIUM ION'
5 water water
#
loop_
_entity_poly.entity_id
_entity_poly.type
_entity_poly.pdbx_seq_one_letter_code
_entity_poly.pdbx_strand_id
1 'polypeptide(L)' GSGEGSEDDPLYDEAVRFVTESRRASISAVQRKLKIGYNRAARMIEAMEMAGVVTPMNTNGSREVIAPAPVRD A,B,C,D,E,F
2 'polydeoxyribonucleotide' (DA)(DC)(DC)(DA)(DG)(DG)(DG)(DC)(DA)(DG)(DG)(DG)(DC)(DG)(DA)(DC) I,K
3 'polydeoxyribonucleotide' (DG)(DT)(DC)(DG)(DC)(DC)(DC)(DT)(DG)(DC)(DC)(DC)(DT)(DG)(DG)(DT) J,L
#
# COMPACT_ATOMS: atom_id res chain seq x y z
N ASP A 8 -10.90 23.35 4.69
CA ASP A 8 -9.68 23.32 3.85
C ASP A 8 -9.45 21.95 3.17
N ASP A 9 -10.04 20.89 3.72
CA ASP A 9 -9.93 19.56 3.12
C ASP A 9 -10.67 19.52 1.77
N PRO A 10 -10.03 18.97 0.71
CA PRO A 10 -10.67 18.82 -0.61
C PRO A 10 -11.98 18.05 -0.56
N LEU A 11 -12.11 17.16 0.42
CA LEU A 11 -13.31 16.35 0.62
C LEU A 11 -14.38 16.95 1.51
N TYR A 12 -14.12 18.15 2.03
CA TYR A 12 -15.03 18.75 3.00
C TYR A 12 -16.42 18.91 2.41
N ASP A 13 -16.51 19.54 1.24
CA ASP A 13 -17.81 19.77 0.61
C ASP A 13 -18.59 18.46 0.38
N GLU A 14 -17.86 17.40 0.03
CA GLU A 14 -18.46 16.09 -0.21
C GLU A 14 -18.95 15.48 1.10
N ALA A 15 -18.17 15.66 2.17
CA ALA A 15 -18.52 15.20 3.52
C ALA A 15 -19.76 15.86 4.07
N VAL A 16 -19.87 17.18 3.87
CA VAL A 16 -21.07 17.92 4.27
C VAL A 16 -22.31 17.49 3.46
N ARG A 17 -22.11 17.18 2.18
CA ARG A 17 -23.19 16.69 1.33
C ARG A 17 -23.69 15.32 1.85
N PHE A 18 -22.75 14.42 2.08
CA PHE A 18 -23.04 13.09 2.61
C PHE A 18 -23.77 13.14 3.94
N VAL A 19 -23.24 13.94 4.86
CA VAL A 19 -23.81 14.11 6.19
C VAL A 19 -25.26 14.63 6.13
N THR A 20 -25.50 15.65 5.32
CA THR A 20 -26.80 16.31 5.27
C THR A 20 -27.84 15.54 4.44
N GLU A 21 -27.40 14.79 3.44
CA GLU A 21 -28.30 13.91 2.69
C GLU A 21 -28.62 12.61 3.44
N SER A 22 -27.59 11.98 4.02
CA SER A 22 -27.76 10.69 4.69
C SER A 22 -28.43 10.82 6.05
N ARG A 23 -28.33 12.02 6.65
CA ARG A 23 -28.75 12.30 8.03
C ARG A 23 -27.87 11.58 9.08
N ARG A 24 -26.67 11.16 8.66
CA ARG A 24 -25.69 10.55 9.57
C ARG A 24 -24.59 11.54 9.89
N ALA A 25 -24.41 11.82 11.17
CA ALA A 25 -23.42 12.77 11.59
C ALA A 25 -22.22 12.12 12.29
N SER A 26 -22.00 10.82 12.05
CA SER A 26 -20.90 10.12 12.70
C SER A 26 -19.60 10.18 11.92
N ILE A 27 -18.51 10.28 12.66
CA ILE A 27 -17.19 10.22 12.09
C ILE A 27 -17.06 8.88 11.37
N SER A 28 -17.49 7.81 12.04
CA SER A 28 -17.41 6.46 11.47
C SER A 28 -18.09 6.37 10.09
N ALA A 29 -19.32 6.88 9.98
CA ALA A 29 -20.03 6.86 8.71
C ALA A 29 -19.28 7.58 7.58
N VAL A 30 -18.70 8.74 7.90
CA VAL A 30 -17.90 9.51 6.93
C VAL A 30 -16.66 8.71 6.48
N GLN A 31 -15.99 8.09 7.45
CA GLN A 31 -14.81 7.24 7.18
C GLN A 31 -15.18 6.15 6.19
N ARG A 32 -16.36 5.55 6.39
CA ARG A 32 -16.83 4.48 5.50
C ARG A 32 -17.13 4.97 4.07
N LYS A 33 -17.85 6.08 3.99
CA LYS A 33 -18.29 6.63 2.72
C LYS A 33 -17.08 7.12 1.92
N LEU A 34 -16.15 7.79 2.57
CA LEU A 34 -15.05 8.46 1.84
C LEU A 34 -13.72 7.74 1.89
N LYS A 35 -13.67 6.64 2.64
CA LYS A 35 -12.49 5.81 2.79
C LYS A 35 -11.32 6.65 3.28
N ILE A 36 -11.57 7.33 4.41
CA ILE A 36 -10.56 8.17 5.07
C ILE A 36 -10.45 7.73 6.52
N GLY A 37 -9.36 8.14 7.17
CA GLY A 37 -9.08 7.70 8.52
C GLY A 37 -9.78 8.54 9.56
N TYR A 38 -9.65 8.12 10.81
CA TYR A 38 -10.37 8.74 11.91
C TYR A 38 -9.98 10.23 12.09
N ASN A 39 -8.68 10.54 12.09
CA ASN A 39 -8.21 11.90 12.35
C ASN A 39 -8.76 12.86 11.29
N ARG A 40 -8.70 12.42 10.05
CA ARG A 40 -9.16 13.23 8.92
C ARG A 40 -10.66 13.46 8.95
N ALA A 41 -11.44 12.41 9.21
CA ALA A 41 -12.89 12.51 9.27
C ALA A 41 -13.33 13.32 10.50
N ALA A 42 -12.65 13.10 11.64
CA ALA A 42 -12.96 13.77 12.89
C ALA A 42 -12.80 15.29 12.72
N ARG A 43 -11.74 15.69 12.03
CA ARG A 43 -11.49 17.10 11.75
C ARG A 43 -12.59 17.75 10.90
N MET A 44 -13.05 17.05 9.88
CA MET A 44 -14.15 17.58 9.07
C MET A 44 -15.47 17.68 9.82
N ILE A 45 -15.74 16.69 10.70
CA ILE A 45 -16.93 16.72 11.54
C ILE A 45 -16.85 17.88 12.53
N GLU A 46 -15.67 18.08 13.12
CA GLU A 46 -15.44 19.20 14.04
C GLU A 46 -15.65 20.54 13.34
N ALA A 47 -15.28 20.62 12.06
CA ALA A 47 -15.50 21.82 11.26
C ALA A 47 -17.00 21.99 11.03
N MET A 48 -17.69 20.88 10.75
CA MET A 48 -19.15 20.93 10.60
C MET A 48 -19.83 21.41 11.88
N GLU A 49 -19.35 20.93 13.02
CA GLU A 49 -19.85 21.42 14.31
C GLU A 49 -19.55 22.91 14.47
N MET A 50 -18.32 23.30 14.14
CA MET A 50 -17.89 24.68 14.33
C MET A 50 -18.71 25.62 13.44
N ALA A 51 -19.29 25.06 12.37
CA ALA A 51 -20.08 25.82 11.39
C ALA A 51 -21.59 25.56 11.47
N GLY A 52 -22.04 24.87 12.51
CA GLY A 52 -23.47 24.68 12.80
C GLY A 52 -24.23 23.79 11.82
N VAL A 53 -23.50 22.90 11.17
CA VAL A 53 -24.08 21.94 10.21
C VAL A 53 -24.54 20.68 10.97
N VAL A 54 -23.87 20.42 12.09
CA VAL A 54 -24.00 19.18 12.87
C VAL A 54 -24.02 19.60 14.34
N THR A 55 -24.71 18.85 15.21
CA THR A 55 -24.68 19.10 16.68
C THR A 55 -23.34 18.69 17.31
N PRO A 56 -23.03 19.23 18.51
CA PRO A 56 -22.08 18.56 19.40
C PRO A 56 -22.56 17.15 19.71
N MET A 57 -21.65 16.23 20.07
CA MET A 57 -22.16 14.92 20.50
C MET A 57 -22.77 14.98 21.91
N ASN A 58 -23.78 14.15 22.12
CA ASN A 58 -24.25 13.92 23.48
C ASN A 58 -23.33 12.95 24.21
N THR A 59 -23.63 12.67 25.46
CA THR A 59 -22.71 11.91 26.30
C THR A 59 -22.23 10.62 25.62
N ASN A 60 -23.16 9.88 25.04
CA ASN A 60 -22.84 8.60 24.37
C ASN A 60 -22.16 8.72 23.01
N GLY A 61 -21.80 9.93 22.61
CA GLY A 61 -21.04 10.15 21.37
C GLY A 61 -21.84 10.42 20.09
N SER A 62 -23.17 10.24 20.12
CA SER A 62 -24.01 10.47 18.95
C SER A 62 -24.20 11.97 18.67
N ARG A 63 -24.39 12.33 17.40
CA ARG A 63 -24.75 13.71 16.99
C ARG A 63 -25.97 13.65 16.08
N GLU A 64 -26.72 14.83 16.00
CA GLU A 64 -27.86 15.00 15.07
C GLU A 64 -27.53 16.13 14.07
N VAL A 65 -27.94 15.89 12.80
CA VAL A 65 -27.73 16.85 11.71
C VAL A 65 -28.65 18.08 11.83
N ILE A 66 -28.05 19.27 11.95
CA ILE A 66 -28.80 20.53 12.04
C ILE A 66 -29.29 20.98 10.66
N ALA A 67 -28.39 21.04 9.68
CA ALA A 67 -28.69 21.56 8.34
C ALA A 67 -29.71 20.73 7.56
N PRO A 68 -30.65 21.40 6.86
CA PRO A 68 -31.60 20.74 5.92
C PRO A 68 -30.89 20.03 4.76
N ALA A 69 -31.58 19.03 4.18
CA ALA A 69 -30.94 18.24 3.10
C ALA A 69 -31.07 18.98 1.74
N PRO A 70 -31.99 19.83 1.55
N ASP B 9 -12.51 -5.27 -2.69
CA ASP B 9 -11.63 -5.48 -1.49
C ASP B 9 -10.82 -6.76 -1.71
N PRO B 10 -9.49 -6.69 -1.51
CA PRO B 10 -8.65 -7.89 -1.69
C PRO B 10 -8.98 -9.09 -0.79
N LEU B 11 -9.68 -8.83 0.32
CA LEU B 11 -10.09 -9.90 1.24
C LEU B 11 -11.49 -10.44 0.97
N TYR B 12 -12.13 -9.95 -0.09
CA TYR B 12 -13.51 -10.34 -0.42
C TYR B 12 -13.67 -11.85 -0.54
N ASP B 13 -12.80 -12.50 -1.32
CA ASP B 13 -12.91 -13.96 -1.51
C ASP B 13 -12.76 -14.71 -0.18
N GLU B 14 -11.89 -14.21 0.71
CA GLU B 14 -11.69 -14.79 2.03
C GLU B 14 -12.95 -14.67 2.88
N ALA B 15 -13.57 -13.50 2.83
CA ALA B 15 -14.79 -13.26 3.57
C ALA B 15 -15.92 -14.16 3.06
N VAL B 16 -16.03 -14.26 1.72
CA VAL B 16 -17.03 -15.12 1.09
C VAL B 16 -16.82 -16.56 1.53
N ARG B 17 -15.57 -17.02 1.48
CA ARG B 17 -15.24 -18.36 1.94
C ARG B 17 -15.64 -18.56 3.39
N PHE B 18 -15.42 -17.54 4.22
CA PHE B 18 -15.76 -17.64 5.64
C PHE B 18 -17.27 -17.79 5.88
N VAL B 19 -18.06 -16.90 5.29
CA VAL B 19 -19.50 -16.95 5.48
C VAL B 19 -20.13 -18.21 4.85
N THR B 20 -19.60 -18.66 3.71
CA THR B 20 -20.19 -19.82 3.04
C THR B 20 -19.88 -21.13 3.73
N GLU B 21 -18.76 -21.17 4.46
CA GLU B 21 -18.41 -22.34 5.26
C GLU B 21 -19.11 -22.34 6.63
N SER B 22 -19.10 -21.20 7.31
CA SER B 22 -19.70 -21.04 8.65
C SER B 22 -21.22 -20.92 8.64
N ARG B 23 -21.77 -20.44 7.52
CA ARG B 23 -23.19 -20.06 7.39
C ARG B 23 -23.57 -18.87 8.29
N ARG B 24 -22.56 -18.15 8.75
CA ARG B 24 -22.72 -16.98 9.60
C ARG B 24 -22.53 -15.71 8.76
N ALA B 25 -23.49 -14.79 8.78
CA ALA B 25 -23.38 -13.54 7.99
C ALA B 25 -23.37 -12.25 8.80
N SER B 26 -23.03 -12.35 10.08
CA SER B 26 -22.91 -11.15 10.91
C SER B 26 -21.69 -10.38 10.48
N ILE B 27 -21.80 -9.06 10.55
CA ILE B 27 -20.68 -8.18 10.26
C ILE B 27 -19.52 -8.48 11.22
N SER B 28 -19.85 -8.64 12.51
CA SER B 28 -18.84 -8.80 13.56
C SER B 28 -18.03 -10.08 13.42
N ALA B 29 -18.71 -11.18 13.07
CA ALA B 29 -18.04 -12.45 12.81
C ALA B 29 -16.97 -12.33 11.72
N VAL B 30 -17.31 -11.68 10.61
CA VAL B 30 -16.39 -11.40 9.50
C VAL B 30 -15.25 -10.46 9.96
N GLN B 31 -15.62 -9.41 10.67
CA GLN B 31 -14.64 -8.48 11.22
C GLN B 31 -13.58 -9.22 12.08
N ARG B 32 -14.02 -10.10 12.98
CA ARG B 32 -13.07 -10.87 13.82
C ARG B 32 -12.22 -11.84 13.00
N LYS B 33 -12.87 -12.55 12.08
CA LYS B 33 -12.20 -13.56 11.25
C LYS B 33 -11.04 -12.93 10.47
N LEU B 34 -11.33 -11.82 9.81
CA LEU B 34 -10.41 -11.22 8.87
C LEU B 34 -9.46 -10.20 9.50
N LYS B 35 -9.60 -9.99 10.82
CA LYS B 35 -8.80 -9.02 11.58
C LYS B 35 -8.90 -7.63 10.93
N ILE B 36 -10.14 -7.19 10.75
CA ILE B 36 -10.43 -5.92 10.10
C ILE B 36 -11.39 -5.15 10.99
N GLY B 37 -11.65 -3.90 10.65
CA GLY B 37 -12.55 -3.02 11.42
C GLY B 37 -14.00 -3.20 10.98
N TYR B 38 -14.90 -2.61 11.76
CA TYR B 38 -16.33 -2.67 11.48
C TYR B 38 -16.66 -2.10 10.08
N ASN B 39 -16.08 -0.97 9.70
CA ASN B 39 -16.46 -0.35 8.43
C ASN B 39 -16.14 -1.25 7.25
N ARG B 40 -14.95 -1.85 7.28
CA ARG B 40 -14.51 -2.67 6.15
C ARG B 40 -15.33 -3.96 6.07
N ALA B 41 -15.66 -4.52 7.22
CA ALA B 41 -16.49 -5.72 7.30
C ALA B 41 -17.93 -5.43 6.80
N ALA B 42 -18.49 -4.28 7.18
CA ALA B 42 -19.84 -3.91 6.77
C ALA B 42 -19.86 -3.75 5.26
N ARG B 43 -18.84 -3.06 4.72
CA ARG B 43 -18.69 -2.89 3.27
C ARG B 43 -18.71 -4.26 2.56
N MET B 44 -18.02 -5.24 3.15
CA MET B 44 -17.94 -6.55 2.52
C MET B 44 -19.24 -7.34 2.58
N ILE B 45 -19.93 -7.28 3.70
CA ILE B 45 -21.26 -7.86 3.80
C ILE B 45 -22.19 -7.20 2.75
N GLU B 46 -22.08 -5.88 2.60
CA GLU B 46 -22.84 -5.17 1.58
C GLU B 46 -22.51 -5.69 0.16
N ALA B 47 -21.22 -5.86 -0.14
CA ALA B 47 -20.81 -6.44 -1.44
C ALA B 47 -21.41 -7.86 -1.67
N MET B 48 -21.45 -8.67 -0.60
CA MET B 48 -22.00 -10.03 -0.67
C MET B 48 -23.50 -10.03 -0.93
N GLU B 49 -24.18 -9.05 -0.34
CA GLU B 49 -25.60 -8.83 -0.57
C GLU B 49 -25.90 -8.44 -2.03
N MET B 50 -25.08 -7.55 -2.57
CA MET B 50 -25.20 -7.09 -3.95
C MET B 50 -24.86 -8.17 -4.97
N ALA B 51 -24.05 -9.14 -4.56
CA ALA B 51 -23.64 -10.29 -5.38
C ALA B 51 -24.46 -11.54 -5.15
N GLY B 52 -25.46 -11.43 -4.27
CA GLY B 52 -26.38 -12.55 -4.03
C GLY B 52 -25.78 -13.68 -3.22
N VAL B 53 -24.66 -13.43 -2.52
CA VAL B 53 -24.04 -14.43 -1.70
C VAL B 53 -24.87 -14.60 -0.41
N VAL B 54 -25.39 -13.47 0.08
CA VAL B 54 -26.23 -13.47 1.28
C VAL B 54 -27.48 -12.64 0.98
N THR B 55 -28.52 -12.83 1.78
CA THR B 55 -29.76 -12.06 1.61
C THR B 55 -29.60 -10.68 2.21
N PRO B 56 -30.50 -9.73 1.85
CA PRO B 56 -30.59 -8.54 2.71
C PRO B 56 -31.25 -8.89 4.06
N MET B 57 -31.14 -7.98 5.03
CA MET B 57 -31.71 -8.20 6.37
C MET B 57 -33.22 -8.46 6.40
N ASN B 58 -33.66 -9.35 7.28
CA ASN B 58 -35.10 -9.46 7.55
C ASN B 58 -35.53 -8.46 8.63
N THR B 59 -36.82 -8.52 8.98
CA THR B 59 -37.46 -7.58 9.92
C THR B 59 -36.66 -7.33 11.19
N ASN B 60 -36.09 -8.40 11.75
CA ASN B 60 -35.29 -8.35 12.99
C ASN B 60 -33.86 -7.86 12.77
N GLY B 61 -33.24 -8.28 11.68
CA GLY B 61 -31.90 -7.81 11.35
C GLY B 61 -30.89 -8.88 10.94
N SER B 62 -31.36 -10.10 10.71
CA SER B 62 -30.45 -11.19 10.36
C SER B 62 -30.46 -11.55 8.87
N ARG B 63 -29.28 -11.93 8.37
CA ARG B 63 -29.10 -12.38 6.99
C ARG B 63 -28.94 -13.88 6.88
N GLU B 64 -29.39 -14.43 5.75
CA GLU B 64 -29.15 -15.83 5.40
C GLU B 64 -28.06 -15.93 4.34
N VAL B 65 -27.31 -17.02 4.40
CA VAL B 65 -26.27 -17.27 3.42
C VAL B 65 -26.92 -18.11 2.32
N ILE B 66 -26.80 -17.63 1.09
CA ILE B 66 -27.42 -18.32 -0.03
C ILE B 66 -26.43 -19.21 -0.79
N ALA B 67 -25.20 -18.74 -0.96
CA ALA B 67 -24.19 -19.51 -1.68
C ALA B 67 -23.96 -20.87 -0.99
N PRO B 68 -23.65 -21.92 -1.78
CA PRO B 68 -23.25 -23.16 -1.14
C PRO B 68 -21.84 -23.05 -0.54
N ALA B 69 -21.53 -23.94 0.40
CA ALA B 69 -20.22 -24.02 1.05
C ALA B 69 -19.08 -24.29 0.07
N PRO B 70 -19.15 -25.21 -0.75
N ASP C 8 -3.52 -15.54 20.80
CA ASP C 8 -3.09 -15.51 22.23
C ASP C 8 -3.28 -14.12 22.84
N ASP C 9 -4.51 -13.81 23.18
CA ASP C 9 -4.84 -12.65 23.99
C ASP C 9 -4.31 -12.88 25.41
N PRO C 10 -3.59 -11.89 25.97
CA PRO C 10 -3.02 -11.93 27.33
C PRO C 10 -4.02 -12.32 28.40
N LEU C 11 -5.29 -12.00 28.17
CA LEU C 11 -6.33 -12.15 29.18
C LEU C 11 -7.09 -13.45 29.02
N TYR C 12 -6.67 -14.27 28.06
CA TYR C 12 -7.40 -15.50 27.77
C TYR C 12 -7.47 -16.38 29.00
N ASP C 13 -6.35 -16.59 29.68
CA ASP C 13 -6.38 -17.50 30.84
C ASP C 13 -7.35 -17.00 31.95
N GLU C 14 -7.36 -15.69 32.15
CA GLU C 14 -8.25 -15.04 33.08
C GLU C 14 -9.71 -15.25 32.70
N ALA C 15 -10.03 -15.05 31.43
CA ALA C 15 -11.37 -15.27 30.90
C ALA C 15 -11.82 -16.72 31.14
N VAL C 16 -10.93 -17.67 30.83
CA VAL C 16 -11.20 -19.10 31.05
C VAL C 16 -11.49 -19.44 32.51
N ARG C 17 -10.70 -18.90 33.45
CA ARG C 17 -10.97 -19.07 34.87
C ARG C 17 -12.36 -18.51 35.24
N PHE C 18 -12.73 -17.34 34.72
CA PHE C 18 -14.04 -16.81 35.05
C PHE C 18 -15.17 -17.69 34.49
N VAL C 19 -15.06 -18.06 33.21
CA VAL C 19 -16.09 -18.87 32.56
C VAL C 19 -16.24 -20.22 33.31
N THR C 20 -15.12 -20.85 33.64
CA THR C 20 -15.18 -22.18 34.27
C THR C 20 -15.65 -22.15 35.73
N GLU C 21 -15.37 -21.04 36.42
CA GLU C 21 -15.82 -20.87 37.79
C GLU C 21 -17.30 -20.49 37.83
N SER C 22 -17.71 -19.59 36.93
CA SER C 22 -19.08 -19.06 36.96
C SER C 22 -20.08 -19.99 36.28
N ARG C 23 -19.57 -20.82 35.36
CA ARG C 23 -20.37 -21.75 34.54
C ARG C 23 -21.16 -20.96 33.50
N ARG C 24 -20.70 -19.76 33.20
CA ARG C 24 -21.43 -18.88 32.30
C ARG C 24 -20.60 -18.76 31.06
N ALA C 25 -21.07 -19.33 29.95
CA ALA C 25 -20.34 -19.24 28.70
C ALA C 25 -20.88 -18.06 27.90
N SER C 26 -20.70 -16.86 28.44
CA SER C 26 -21.33 -15.71 27.78
C SER C 26 -20.35 -14.61 27.51
N ILE C 27 -20.44 -14.11 26.28
CA ILE C 27 -19.59 -13.04 25.82
C ILE C 27 -19.81 -11.84 26.74
N SER C 28 -21.07 -11.51 26.99
CA SER C 28 -21.43 -10.33 27.82
C SER C 28 -20.87 -10.36 29.24
N ALA C 29 -20.94 -11.52 29.90
CA ALA C 29 -20.46 -11.68 31.27
C ALA C 29 -18.93 -11.51 31.34
N VAL C 30 -18.23 -12.04 30.33
CA VAL C 30 -16.77 -11.86 30.19
C VAL C 30 -16.43 -10.39 29.97
N GLN C 31 -17.19 -9.70 29.11
CA GLN C 31 -16.97 -8.27 28.91
C GLN C 31 -17.00 -7.51 30.22
N ARG C 32 -18.03 -7.78 31.01
CA ARG C 32 -18.23 -7.06 32.22
C ARG C 32 -17.20 -7.49 33.26
N LYS C 33 -16.93 -8.79 33.34
CA LYS C 33 -15.93 -9.29 34.29
C LYS C 33 -14.55 -8.68 34.04
N LEU C 34 -14.11 -8.78 32.79
CA LEU C 34 -12.78 -8.30 32.39
C LEU C 34 -12.67 -6.85 31.96
N LYS C 35 -13.81 -6.18 31.73
CA LYS C 35 -13.84 -4.79 31.27
C LYS C 35 -13.19 -4.64 29.90
N ILE C 36 -13.65 -5.47 28.99
CA ILE C 36 -13.10 -5.55 27.64
C ILE C 36 -14.25 -5.40 26.67
N GLY C 37 -13.93 -5.10 25.41
CA GLY C 37 -14.95 -4.86 24.42
C GLY C 37 -15.62 -6.13 23.95
N TYR C 38 -16.76 -5.96 23.26
CA TYR C 38 -17.55 -7.07 22.75
C TYR C 38 -16.75 -8.01 21.83
N ASN C 39 -16.07 -7.44 20.84
CA ASN C 39 -15.31 -8.26 19.93
C ASN C 39 -14.16 -9.02 20.61
N ARG C 40 -13.51 -8.37 21.57
CA ARG C 40 -12.40 -8.98 22.28
C ARG C 40 -12.88 -10.19 23.09
N ALA C 41 -13.98 -10.01 23.80
CA ALA C 41 -14.67 -11.09 24.52
C ALA C 41 -15.17 -12.19 23.57
N ALA C 42 -15.77 -11.80 22.44
CA ALA C 42 -16.26 -12.80 21.49
C ALA C 42 -15.11 -13.64 20.93
N ARG C 43 -13.97 -12.99 20.67
CA ARG C 43 -12.78 -13.72 20.14
C ARG C 43 -12.36 -14.78 21.14
N MET C 44 -12.37 -14.42 22.41
CA MET C 44 -11.97 -15.35 23.47
C MET C 44 -12.96 -16.50 23.71
N ILE C 45 -14.26 -16.22 23.64
CA ILE C 45 -15.27 -17.28 23.66
C ILE C 45 -15.08 -18.27 22.47
N GLU C 46 -14.85 -17.72 21.28
CA GLU C 46 -14.58 -18.49 20.08
C GLU C 46 -13.37 -19.41 20.31
N ALA C 47 -12.32 -18.83 20.87
CA ALA C 47 -11.09 -19.56 21.22
C ALA C 47 -11.38 -20.70 22.22
N MET C 48 -12.18 -20.42 23.24
CA MET C 48 -12.64 -21.44 24.20
C MET C 48 -13.49 -22.57 23.57
N GLU C 49 -14.24 -22.23 22.52
CA GLU C 49 -15.05 -23.20 21.78
C GLU C 49 -14.14 -24.18 21.07
N MET C 50 -13.14 -23.61 20.39
CA MET C 50 -12.21 -24.39 19.57
C MET C 50 -11.34 -25.29 20.45
N ALA C 51 -11.09 -24.85 21.68
CA ALA C 51 -10.33 -25.58 22.68
C ALA C 51 -11.18 -26.55 23.54
N GLY C 52 -12.48 -26.62 23.25
CA GLY C 52 -13.38 -27.55 23.97
C GLY C 52 -13.75 -27.14 25.39
N VAL C 53 -13.54 -25.87 25.73
CA VAL C 53 -13.80 -25.35 27.06
C VAL C 53 -15.28 -25.02 27.21
N VAL C 54 -15.88 -24.54 26.11
CA VAL C 54 -17.31 -24.28 26.01
C VAL C 54 -17.85 -24.90 24.72
N THR C 55 -19.17 -25.08 24.66
CA THR C 55 -19.82 -25.63 23.47
C THR C 55 -19.95 -24.55 22.39
N PRO C 56 -20.17 -24.96 21.13
CA PRO C 56 -20.66 -24.00 20.14
C PRO C 56 -21.99 -23.34 20.56
N MET C 57 -22.30 -22.18 19.97
CA MET C 57 -23.60 -21.54 20.13
C MET C 57 -24.68 -22.50 19.66
N ASN C 58 -25.67 -22.76 20.50
CA ASN C 58 -26.80 -23.59 20.12
C ASN C 58 -27.69 -22.84 19.13
N THR C 59 -28.51 -23.59 18.40
CA THR C 59 -29.43 -23.02 17.42
C THR C 59 -30.52 -22.19 18.11
N ASN C 60 -30.58 -22.29 19.44
CA ASN C 60 -31.47 -21.48 20.26
C ASN C 60 -30.75 -20.27 20.85
N GLY C 61 -29.42 -20.26 20.68
CA GLY C 61 -28.56 -19.13 21.03
C GLY C 61 -27.48 -19.50 22.03
N SER C 62 -27.86 -20.36 22.98
CA SER C 62 -27.12 -20.62 24.22
C SER C 62 -25.78 -21.35 24.04
N ARG C 63 -24.99 -21.31 25.10
CA ARG C 63 -23.72 -22.01 25.17
C ARG C 63 -23.61 -22.54 26.57
N GLU C 64 -22.92 -23.67 26.72
CA GLU C 64 -22.64 -24.25 28.03
C GLU C 64 -21.14 -24.44 28.24
N VAL C 65 -20.74 -24.49 29.50
CA VAL C 65 -19.33 -24.71 29.84
C VAL C 65 -19.11 -26.22 29.91
N ILE C 66 -18.05 -26.68 29.23
CA ILE C 66 -17.74 -28.09 29.19
C ILE C 66 -16.71 -28.40 30.25
N ALA C 67 -15.68 -27.56 30.34
CA ALA C 67 -14.53 -27.82 31.21
C ALA C 67 -14.92 -27.69 32.69
N PRO C 68 -14.29 -28.48 33.59
CA PRO C 68 -14.64 -28.30 34.99
C PRO C 68 -14.05 -27.00 35.56
N ALA C 69 -14.50 -26.60 36.75
CA ALA C 69 -14.01 -25.42 37.45
C ALA C 69 -12.49 -25.47 37.74
N PRO C 70 -11.86 -24.43 37.95
N ASP D 9 16.14 22.40 -5.92
CA ASP D 9 17.46 21.82 -5.54
C ASP D 9 18.35 22.97 -5.03
N PRO D 10 18.96 22.83 -3.83
CA PRO D 10 19.74 23.97 -3.29
C PRO D 10 20.96 24.32 -4.13
N LEU D 11 21.38 23.41 -5.01
CA LEU D 11 22.56 23.61 -5.85
C LEU D 11 22.21 24.21 -7.20
N TYR D 12 20.93 24.43 -7.46
CA TYR D 12 20.52 24.91 -8.77
C TYR D 12 21.18 26.22 -9.18
N ASP D 13 21.29 27.19 -8.27
CA ASP D 13 21.87 28.49 -8.64
C ASP D 13 23.36 28.37 -9.03
N GLU D 14 24.08 27.52 -8.30
CA GLU D 14 25.47 27.16 -8.63
C GLU D 14 25.61 26.48 -10.01
N ALA D 15 24.71 25.56 -10.32
CA ALA D 15 24.70 24.92 -11.64
C ALA D 15 24.46 25.92 -12.77
N VAL D 16 23.46 26.79 -12.63
CA VAL D 16 23.19 27.82 -13.65
C VAL D 16 24.41 28.72 -13.83
N ARG D 17 24.99 29.11 -12.70
CA ARG D 17 26.17 29.96 -12.67
C ARG D 17 27.29 29.30 -13.48
N PHE D 18 27.52 28.01 -13.24
CA PHE D 18 28.55 27.28 -13.97
C PHE D 18 28.19 27.15 -15.45
N VAL D 19 26.96 26.74 -15.75
CA VAL D 19 26.57 26.57 -17.16
C VAL D 19 26.71 27.88 -17.95
N THR D 20 26.22 28.97 -17.36
CA THR D 20 26.24 30.25 -18.04
C THR D 20 27.62 30.90 -18.12
N GLU D 21 28.51 30.61 -17.18
CA GLU D 21 29.87 31.15 -17.28
C GLU D 21 30.72 30.35 -18.28
N SER D 22 30.61 29.02 -18.23
CA SER D 22 31.44 28.13 -19.03
C SER D 22 30.94 27.93 -20.46
N ARG D 23 29.65 28.28 -20.66
CA ARG D 23 28.92 28.02 -21.88
C ARG D 23 28.80 26.53 -22.20
N ARG D 24 28.90 25.67 -21.19
CA ARG D 24 28.77 24.24 -21.36
C ARG D 24 27.46 23.75 -20.79
N ALA D 25 26.49 23.51 -21.67
CA ALA D 25 25.19 22.99 -21.25
C ALA D 25 25.34 21.45 -21.21
N SER D 26 26.09 20.98 -20.24
CA SER D 26 26.51 19.59 -20.23
C SER D 26 26.17 18.98 -18.90
N ILE D 27 25.40 17.91 -18.94
CA ILE D 27 25.07 17.16 -17.71
C ILE D 27 26.39 16.74 -17.06
N SER D 28 27.27 16.12 -17.85
CA SER D 28 28.53 15.57 -17.33
C SER D 28 29.43 16.63 -16.69
N ALA D 29 29.49 17.80 -17.33
CA ALA D 29 30.33 18.89 -16.82
C ALA D 29 29.79 19.42 -15.49
N VAL D 30 28.47 19.61 -15.42
CA VAL D 30 27.78 19.98 -14.18
C VAL D 30 28.09 19.00 -13.04
N GLN D 31 28.01 17.70 -13.34
CA GLN D 31 28.41 16.65 -12.40
C GLN D 31 29.82 16.84 -11.83
N ARG D 32 30.79 17.12 -12.70
CA ARG D 32 32.18 17.27 -12.28
C ARG D 32 32.37 18.52 -11.46
N LYS D 33 31.76 19.62 -11.90
CA LYS D 33 31.91 20.90 -11.24
C LYS D 33 31.32 20.84 -9.83
N LEU D 34 30.14 20.24 -9.72
CA LEU D 34 29.43 20.28 -8.47
C LEU D 34 29.61 19.01 -7.62
N LYS D 35 30.27 18.00 -8.19
CA LYS D 35 30.41 16.64 -7.62
C LYS D 35 29.08 16.05 -7.16
N ILE D 36 28.16 16.00 -8.11
CA ILE D 36 26.83 15.44 -7.91
C ILE D 36 26.56 14.30 -8.90
N GLY D 37 25.50 13.52 -8.67
CA GLY D 37 25.21 12.36 -9.49
C GLY D 37 24.61 12.71 -10.85
N TYR D 38 24.66 11.75 -11.75
CA TYR D 38 24.12 11.89 -13.10
C TYR D 38 22.66 12.37 -13.09
N ASN D 39 21.78 11.70 -12.35
CA ASN D 39 20.37 12.08 -12.36
C ASN D 39 20.14 13.44 -11.70
N ARG D 40 20.94 13.77 -10.69
CA ARG D 40 20.74 15.07 -10.03
C ARG D 40 21.09 16.22 -10.99
N ALA D 41 22.22 16.09 -11.68
CA ALA D 41 22.65 17.03 -12.73
C ALA D 41 21.64 17.07 -13.89
N ALA D 42 21.11 15.91 -14.25
CA ALA D 42 20.17 15.83 -15.36
C ALA D 42 18.88 16.57 -15.02
N ARG D 43 18.38 16.39 -13.79
CA ARG D 43 17.19 17.16 -13.33
C ARG D 43 17.45 18.65 -13.45
N MET D 44 18.63 19.09 -13.01
CA MET D 44 18.91 20.53 -13.08
C MET D 44 19.02 21.05 -14.51
N ILE D 45 19.61 20.28 -15.40
CA ILE D 45 19.69 20.68 -16.83
C ILE D 45 18.27 20.76 -17.43
N GLU D 46 17.42 19.80 -17.05
CA GLU D 46 16.02 19.74 -17.46
C GLU D 46 15.27 21.01 -17.01
N ALA D 47 15.54 21.43 -15.78
CA ALA D 47 14.94 22.64 -15.20
C ALA D 47 15.45 23.89 -15.93
N MET D 48 16.74 23.88 -16.29
CA MET D 48 17.34 24.98 -17.06
C MET D 48 16.70 25.12 -18.43
N GLU D 49 16.36 23.99 -19.03
CA GLU D 49 15.70 23.96 -20.31
C GLU D 49 14.32 24.58 -20.20
N MET D 50 13.57 24.19 -19.17
CA MET D 50 12.21 24.70 -18.97
C MET D 50 12.19 26.22 -18.74
N ALA D 51 13.23 26.73 -18.10
CA ALA D 51 13.40 28.15 -17.79
C ALA D 51 14.09 28.93 -18.90
N GLY D 52 14.46 28.27 -19.99
CA GLY D 52 15.04 28.98 -21.13
C GLY D 52 16.53 29.30 -20.99
N VAL D 53 17.20 28.65 -20.06
CA VAL D 53 18.63 28.91 -19.83
C VAL D 53 19.50 28.17 -20.85
N VAL D 54 19.05 26.96 -21.19
CA VAL D 54 19.73 26.13 -22.18
C VAL D 54 18.69 25.65 -23.19
N THR D 55 19.14 25.21 -24.36
CA THR D 55 18.22 24.67 -25.39
C THR D 55 17.82 23.25 -25.00
N PRO D 56 16.72 22.73 -25.60
CA PRO D 56 16.50 21.30 -25.58
C PRO D 56 17.71 20.56 -26.20
N MET D 57 17.81 19.26 -25.94
CA MET D 57 18.88 18.45 -26.53
C MET D 57 18.61 18.27 -28.03
N ASN D 58 19.65 18.41 -28.84
CA ASN D 58 19.52 18.20 -30.28
C ASN D 58 19.61 16.70 -30.64
N THR D 59 19.50 16.42 -31.93
CA THR D 59 19.65 15.06 -32.46
C THR D 59 21.05 14.49 -32.19
N ASN D 60 22.00 15.38 -31.92
CA ASN D 60 23.41 15.04 -31.75
C ASN D 60 23.78 14.74 -30.30
N GLY D 61 22.80 14.89 -29.41
CA GLY D 61 23.06 14.93 -27.98
C GLY D 61 23.44 16.35 -27.58
N SER D 62 23.65 17.20 -28.58
CA SER D 62 24.09 18.59 -28.38
C SER D 62 23.08 19.46 -27.63
N ARG D 63 23.62 20.45 -26.91
CA ARG D 63 22.84 21.44 -26.18
C ARG D 63 23.64 22.72 -26.14
N GLU D 64 22.97 23.86 -26.26
CA GLU D 64 23.67 25.13 -26.16
C GLU D 64 23.09 25.97 -25.03
N VAL D 65 23.90 26.86 -24.49
CA VAL D 65 23.46 27.79 -23.45
C VAL D 65 22.81 29.01 -24.14
N ILE D 66 21.61 29.38 -23.70
CA ILE D 66 20.89 30.52 -24.26
C ILE D 66 21.19 31.78 -23.47
N ALA D 67 21.10 31.70 -22.14
CA ALA D 67 21.23 32.86 -21.26
C ALA D 67 22.65 33.48 -21.28
N PRO D 68 22.75 34.80 -21.01
CA PRO D 68 24.06 35.44 -20.92
C PRO D 68 24.92 34.89 -19.77
N ALA D 69 26.24 35.06 -19.89
CA ALA D 69 27.16 34.75 -18.80
C ALA D 69 26.82 35.57 -17.55
N PRO D 70 27.18 35.04 -16.36
CA PRO D 70 26.92 35.81 -15.13
C PRO D 70 27.76 37.09 -15.06
N VAL D 71 28.95 37.11 -15.41
N ASP E 9 2.22 -2.12 -11.10
CA ASP E 9 2.68 -0.79 -10.56
C ASP E 9 1.62 0.29 -10.80
N PRO E 10 1.18 0.98 -9.71
CA PRO E 10 0.13 2.00 -9.82
C PRO E 10 0.55 3.25 -10.62
N LEU E 11 1.85 3.41 -10.83
CA LEU E 11 2.40 4.52 -11.61
C LEU E 11 2.54 4.20 -13.10
N TYR E 12 2.12 3.00 -13.51
CA TYR E 12 2.38 2.52 -14.87
C TYR E 12 1.73 3.38 -15.97
N ASP E 13 0.48 3.75 -15.74
CA ASP E 13 -0.27 4.61 -16.65
C ASP E 13 0.42 5.97 -16.79
N GLU E 14 0.87 6.54 -15.69
CA GLU E 14 1.58 7.81 -15.71
C GLU E 14 2.90 7.67 -16.49
N ALA E 15 3.60 6.56 -16.28
CA ALA E 15 4.83 6.24 -16.99
C ALA E 15 4.61 6.12 -18.52
N VAL E 16 3.54 5.41 -18.91
CA VAL E 16 3.22 5.26 -20.33
C VAL E 16 2.86 6.60 -20.94
N ARG E 17 2.10 7.40 -20.22
CA ARG E 17 1.72 8.72 -20.72
C ARG E 17 2.98 9.55 -20.95
N PHE E 18 3.92 9.51 -20.01
CA PHE E 18 5.16 10.28 -20.14
C PHE E 18 5.96 9.82 -21.35
N VAL E 19 6.13 8.51 -21.47
CA VAL E 19 6.86 7.91 -22.57
C VAL E 19 6.20 8.24 -23.92
N THR E 20 4.89 8.03 -24.02
CA THR E 20 4.22 8.23 -25.30
C THR E 20 4.06 9.71 -25.68
N GLU E 21 4.02 10.57 -24.66
CA GLU E 21 3.96 12.02 -24.88
C GLU E 21 5.32 12.60 -25.20
N SER E 22 6.35 12.20 -24.47
CA SER E 22 7.69 12.76 -24.68
C SER E 22 8.47 12.09 -25.80
N ARG E 23 8.10 10.85 -26.13
CA ARG E 23 8.84 9.97 -27.05
C ARG E 23 10.19 9.52 -26.48
N ARG E 24 10.39 9.72 -25.18
CA ARG E 24 11.62 9.34 -24.52
C ARG E 24 11.43 8.01 -23.81
N ALA E 25 12.19 6.99 -24.21
CA ALA E 25 12.05 5.69 -23.55
C ALA E 25 13.25 5.29 -22.68
N SER E 26 14.13 6.25 -22.34
CA SER E 26 15.23 5.91 -21.41
C SER E 26 14.67 5.59 -20.03
N ILE E 27 15.34 4.66 -19.35
CA ILE E 27 14.98 4.33 -17.97
C ILE E 27 15.13 5.57 -17.06
N SER E 28 16.24 6.29 -17.23
CA SER E 28 16.57 7.44 -16.38
C SER E 28 15.56 8.59 -16.52
N ALA E 29 15.07 8.85 -17.73
CA ALA E 29 14.06 9.91 -17.91
C ALA E 29 12.79 9.57 -17.15
N VAL E 30 12.37 8.31 -17.23
CA VAL E 30 11.19 7.84 -16.51
C VAL E 30 11.42 7.94 -15.01
N GLN E 31 12.60 7.50 -14.58
CA GLN E 31 12.94 7.53 -13.19
C GLN E 31 12.91 8.99 -12.63
N ARG E 32 13.37 9.98 -13.40
CA ARG E 32 13.39 11.38 -12.95
C ARG E 32 11.97 11.98 -12.92
N LYS E 33 11.21 11.66 -13.95
CA LYS E 33 9.86 12.20 -14.09
C LYS E 33 8.98 11.77 -12.90
N LEU E 34 9.04 10.49 -12.56
CA LEU E 34 8.12 9.90 -11.59
C LEU E 34 8.63 9.96 -10.16
N LYS E 35 9.86 10.47 -10.01
CA LYS E 35 10.60 10.51 -8.74
C LYS E 35 10.69 9.13 -8.10
N ILE E 36 11.21 8.17 -8.87
CA ILE E 36 11.38 6.80 -8.42
C ILE E 36 12.80 6.35 -8.71
N GLY E 37 13.15 5.17 -8.23
CA GLY E 37 14.51 4.66 -8.39
C GLY E 37 14.68 3.92 -9.70
N TYR E 38 15.93 3.55 -9.98
CA TYR E 38 16.28 2.83 -11.22
C TYR E 38 15.50 1.53 -11.38
N ASN E 39 15.41 0.71 -10.32
CA ASN E 39 14.78 -0.61 -10.45
C ASN E 39 13.29 -0.51 -10.82
N ARG E 40 12.61 0.44 -10.19
CA ARG E 40 11.15 0.58 -10.39
C ARG E 40 10.82 1.05 -11.80
N ALA E 41 11.64 1.98 -12.28
CA ALA E 41 11.52 2.56 -13.61
C ALA E 41 11.86 1.50 -14.68
N ALA E 42 12.97 0.80 -14.50
CA ALA E 42 13.40 -0.29 -15.37
C ALA E 42 12.34 -1.38 -15.50
N ARG E 43 11.75 -1.78 -14.36
CA ARG E 43 10.63 -2.71 -14.34
C ARG E 43 9.47 -2.21 -15.22
N MET E 44 9.17 -0.92 -15.17
CA MET E 44 8.06 -0.41 -15.96
C MET E 44 8.42 -0.32 -17.44
N ILE E 45 9.65 0.04 -17.75
CA ILE E 45 10.09 0.05 -19.15
C ILE E 45 9.96 -1.39 -19.71
N GLU E 46 10.36 -2.38 -18.91
CA GLU E 46 10.21 -3.78 -19.29
C GLU E 46 8.74 -4.16 -19.51
N ALA E 47 7.87 -3.68 -18.63
CA ALA E 47 6.41 -3.89 -18.81
C ALA E 47 5.93 -3.29 -20.14
N MET E 48 6.44 -2.10 -20.46
CA MET E 48 6.06 -1.46 -21.71
C MET E 48 6.53 -2.24 -22.96
N GLU E 49 7.71 -2.86 -22.86
CA GLU E 49 8.24 -3.68 -23.94
C GLU E 49 7.35 -4.91 -24.16
N MET E 50 6.97 -5.56 -23.06
CA MET E 50 6.13 -6.74 -23.12
C MET E 50 4.74 -6.44 -23.69
N ALA E 51 4.32 -5.18 -23.55
CA ALA E 51 3.00 -4.70 -24.01
C ALA E 51 3.05 -4.03 -25.38
N GLY E 52 4.23 -3.97 -25.99
CA GLY E 52 4.39 -3.35 -27.32
C GLY E 52 4.24 -1.84 -27.36
N VAL E 53 4.42 -1.19 -26.21
CA VAL E 53 4.43 0.27 -26.12
C VAL E 53 5.77 0.82 -26.63
N VAL E 54 6.84 0.12 -26.28
CA VAL E 54 8.20 0.48 -26.73
C VAL E 54 8.82 -0.76 -27.33
N THR E 55 9.85 -0.59 -28.15
CA THR E 55 10.54 -1.70 -28.79
C THR E 55 11.47 -2.40 -27.78
N PRO E 56 11.91 -3.64 -28.10
CA PRO E 56 13.14 -4.08 -27.44
C PRO E 56 14.35 -3.28 -27.96
N MET E 57 15.29 -2.97 -27.07
CA MET E 57 16.45 -2.16 -27.47
C MET E 57 17.32 -2.88 -28.50
N ASN E 58 17.90 -2.13 -29.43
CA ASN E 58 18.81 -2.74 -30.41
C ASN E 58 20.26 -2.88 -29.90
N THR E 59 21.17 -3.34 -30.76
CA THR E 59 22.58 -3.54 -30.40
C THR E 59 23.11 -2.38 -29.55
N ASN E 60 22.92 -1.17 -30.06
CA ASN E 60 23.40 0.07 -29.42
C ASN E 60 22.72 0.41 -28.09
N GLY E 61 21.61 -0.27 -27.80
CA GLY E 61 20.89 -0.11 -26.54
C GLY E 61 19.69 0.82 -26.55
N SER E 62 19.26 1.26 -27.74
CA SER E 62 18.20 2.27 -27.86
C SER E 62 16.79 1.73 -28.13
N ARG E 63 15.84 2.03 -27.24
CA ARG E 63 14.42 1.71 -27.44
C ARG E 63 13.65 2.85 -28.13
N GLU E 64 12.83 2.47 -29.11
CA GLU E 64 11.90 3.40 -29.74
C GLU E 64 10.48 3.26 -29.18
N VAL E 65 9.76 4.37 -29.17
CA VAL E 65 8.37 4.41 -28.69
C VAL E 65 7.46 4.10 -29.86
N ILE E 66 6.66 3.06 -29.73
CA ILE E 66 5.78 2.62 -30.79
C ILE E 66 4.39 3.18 -30.64
N ALA E 67 3.84 3.11 -29.43
CA ALA E 67 2.49 3.60 -29.17
C ALA E 67 2.37 5.07 -29.58
N PRO E 68 1.18 5.48 -30.04
CA PRO E 68 0.98 6.88 -30.41
C PRO E 68 0.88 7.77 -29.17
N ALA E 69 1.22 9.05 -29.32
CA ALA E 69 1.02 10.05 -28.26
C ALA E 69 -0.47 10.09 -27.90
N PRO E 70 -0.79 10.27 -26.61
CA PRO E 70 -2.21 10.20 -26.26
C PRO E 70 -2.98 11.41 -26.78
N VAL E 71 -4.19 11.29 -27.01
N GLU F 7 21.16 -17.88 5.03
CA GLU F 7 20.75 -17.22 6.30
C GLU F 7 19.30 -17.60 6.62
N ASP F 8 18.76 -17.18 7.78
CA ASP F 8 17.36 -17.49 8.16
C ASP F 8 16.24 -16.73 7.43
N ASP F 9 16.61 -15.95 6.42
CA ASP F 9 15.62 -15.27 5.60
C ASP F 9 14.90 -16.33 4.72
N PRO F 10 13.55 -16.37 4.77
CA PRO F 10 12.77 -17.34 4.00
C PRO F 10 13.04 -17.22 2.50
N LEU F 11 13.56 -16.08 2.07
CA LEU F 11 13.86 -15.88 0.64
C LEU F 11 15.29 -16.24 0.24
N TYR F 12 16.06 -16.80 1.16
CA TYR F 12 17.50 -17.05 0.90
C TYR F 12 17.74 -18.03 -0.25
N ASP F 13 17.08 -19.18 -0.20
CA ASP F 13 17.23 -20.21 -1.23
C ASP F 13 16.83 -19.68 -2.63
N GLU F 14 15.79 -18.85 -2.65
CA GLU F 14 15.31 -18.23 -3.88
C GLU F 14 16.31 -17.20 -4.40
N ALA F 15 16.88 -16.42 -3.50
CA ALA F 15 17.85 -15.41 -3.89
C ALA F 15 19.10 -16.10 -4.46
N VAL F 16 19.54 -17.17 -3.80
CA VAL F 16 20.67 -17.97 -4.28
C VAL F 16 20.37 -18.59 -5.65
N ARG F 17 19.13 -19.06 -5.84
CA ARG F 17 18.72 -19.62 -7.11
C ARG F 17 18.76 -18.57 -8.21
N PHE F 18 18.26 -17.38 -7.91
CA PHE F 18 18.26 -16.25 -8.86
C PHE F 18 19.68 -15.85 -9.25
N VAL F 19 20.50 -15.59 -8.25
CA VAL F 19 21.90 -15.24 -8.47
C VAL F 19 22.64 -16.28 -9.32
N THR F 20 22.41 -17.57 -9.04
CA THR F 20 23.16 -18.61 -9.74
C THR F 20 22.60 -18.87 -11.13
N GLU F 21 21.30 -18.59 -11.34
CA GLU F 21 20.73 -18.77 -12.67
C GLU F 21 20.89 -17.53 -13.56
N SER F 22 20.87 -16.36 -12.94
CA SER F 22 20.99 -15.10 -13.68
C SER F 22 22.45 -14.76 -13.94
N ARG F 23 23.31 -15.25 -13.05
CA ARG F 23 24.75 -14.93 -12.99
C ARG F 23 24.93 -13.48 -12.53
N ARG F 24 23.85 -12.85 -12.10
CA ARG F 24 23.89 -11.50 -11.57
C ARG F 24 24.11 -11.60 -10.08
N ALA F 25 25.17 -10.98 -9.61
CA ALA F 25 25.52 -11.05 -8.19
C ALA F 25 25.35 -9.70 -7.48
N SER F 26 24.64 -8.77 -8.09
CA SER F 26 24.48 -7.45 -7.46
C SER F 26 23.30 -7.38 -6.45
N ILE F 27 23.47 -6.58 -5.41
CA ILE F 27 22.41 -6.37 -4.41
C ILE F 27 21.18 -5.82 -5.15
N SER F 28 21.43 -4.86 -6.03
CA SER F 28 20.39 -4.21 -6.85
C SER F 28 19.52 -5.19 -7.63
N ALA F 29 20.17 -6.13 -8.34
CA ALA F 29 19.44 -7.15 -9.12
C ALA F 29 18.52 -8.02 -8.27
N VAL F 30 19.02 -8.41 -7.09
CA VAL F 30 18.22 -9.16 -6.11
C VAL F 30 17.02 -8.33 -5.62
N GLN F 31 17.26 -7.05 -5.33
CA GLN F 31 16.18 -6.13 -4.94
C GLN F 31 15.11 -6.05 -6.01
N ARG F 32 15.53 -5.97 -7.27
CA ARG F 32 14.59 -5.89 -8.37
C ARG F 32 13.79 -7.19 -8.50
N LYS F 33 14.48 -8.32 -8.44
CA LYS F 33 13.84 -9.61 -8.66
C LYS F 33 12.81 -9.92 -7.56
N LEU F 34 13.20 -9.70 -6.30
CA LEU F 34 12.39 -10.18 -5.18
C LEU F 34 11.55 -9.09 -4.51
N LYS F 35 11.69 -7.85 -4.99
CA LYS F 35 11.00 -6.67 -4.42
C LYS F 35 11.26 -6.49 -2.95
N ILE F 36 12.54 -6.45 -2.60
CA ILE F 36 12.93 -6.33 -1.23
C ILE F 36 13.91 -5.18 -1.15
N GLY F 37 14.10 -4.69 0.07
CA GLY F 37 14.89 -3.49 0.28
C GLY F 37 16.37 -3.78 0.31
N TYR F 38 17.15 -2.70 0.28
CA TYR F 38 18.62 -2.79 0.31
C TYR F 38 19.18 -3.64 1.46
N ASN F 39 18.74 -3.36 2.70
CA ASN F 39 19.29 -4.08 3.86
C ASN F 39 19.09 -5.57 3.67
N ARG F 40 17.87 -5.96 3.32
CA ARG F 40 17.52 -7.38 3.22
C ARG F 40 18.31 -8.12 2.16
N ALA F 41 18.43 -7.50 0.99
CA ALA F 41 19.21 -8.07 -0.11
C ALA F 41 20.73 -8.08 0.20
N ALA F 42 21.22 -7.00 0.80
CA ALA F 42 22.64 -6.86 1.10
C ALA F 42 23.04 -7.96 2.06
N ARG F 43 22.16 -8.26 3.01
CA ARG F 43 22.44 -9.33 4.02
C ARG F 43 22.50 -10.71 3.41
N MET F 44 21.57 -11.00 2.49
CA MET F 44 21.62 -12.25 1.75
C MET F 44 22.86 -12.36 0.87
N ILE F 45 23.21 -11.29 0.16
CA ILE F 45 24.43 -11.30 -0.64
C ILE F 45 25.67 -11.54 0.25
N GLU F 46 25.71 -10.88 1.42
CA GLU F 46 26.77 -11.11 2.39
C GLU F 46 26.84 -12.58 2.82
N ALA F 47 25.68 -13.18 3.11
CA ALA F 47 25.64 -14.61 3.46
C ALA F 47 26.12 -15.49 2.28
N MET F 48 25.78 -15.12 1.04
CA MET F 48 26.25 -15.90 -0.13
C MET F 48 27.78 -15.81 -0.29
N GLU F 49 28.32 -14.61 -0.06
CA GLU F 49 29.78 -14.40 -0.02
C GLU F 49 30.44 -15.29 1.03
N MET F 50 29.89 -15.26 2.25
CA MET F 50 30.46 -16.06 3.35
C MET F 50 30.39 -17.57 3.07
N ALA F 51 29.34 -17.98 2.34
CA ALA F 51 29.15 -19.38 1.99
C ALA F 51 29.92 -19.76 0.71
N GLY F 52 30.53 -18.78 0.06
CA GLY F 52 31.34 -19.00 -1.15
C GLY F 52 30.54 -19.13 -2.44
N VAL F 53 29.31 -18.63 -2.42
CA VAL F 53 28.44 -18.66 -3.58
C VAL F 53 28.80 -17.53 -4.54
N VAL F 54 29.18 -16.38 -3.98
CA VAL F 54 29.57 -15.20 -4.76
C VAL F 54 30.91 -14.71 -4.26
N THR F 55 31.61 -13.93 -5.10
CA THR F 55 32.91 -13.35 -4.72
C THR F 55 32.70 -12.18 -3.75
N PRO F 56 33.76 -11.79 -3.04
CA PRO F 56 33.71 -10.45 -2.44
C PRO F 56 33.58 -9.40 -3.53
N MET F 57 33.16 -8.19 -3.14
CA MET F 57 33.14 -7.07 -4.07
C MET F 57 34.54 -6.65 -4.48
N ASN F 58 34.73 -6.39 -5.78
CA ASN F 58 35.96 -5.74 -6.21
C ASN F 58 35.85 -4.24 -6.04
N THR F 59 36.88 -3.52 -6.44
CA THR F 59 36.97 -2.08 -6.18
C THR F 59 35.74 -1.28 -6.63
N ASN F 60 35.27 -1.51 -7.87
CA ASN F 60 34.13 -0.76 -8.43
C ASN F 60 32.75 -1.19 -7.96
N GLY F 61 32.69 -2.20 -7.11
CA GLY F 61 31.42 -2.65 -6.57
C GLY F 61 30.83 -3.89 -7.23
N SER F 62 31.46 -4.40 -8.29
CA SER F 62 30.94 -5.62 -8.92
C SER F 62 31.33 -6.88 -8.17
N ARG F 63 30.51 -7.91 -8.36
CA ARG F 63 30.79 -9.23 -7.83
C ARG F 63 30.56 -10.24 -8.93
N GLU F 64 31.11 -11.42 -8.75
CA GLU F 64 30.96 -12.49 -9.69
C GLU F 64 30.31 -13.64 -8.94
N VAL F 65 29.48 -14.40 -9.65
CA VAL F 65 28.95 -15.63 -9.10
C VAL F 65 30.04 -16.71 -9.21
N ILE F 66 30.27 -17.45 -8.12
CA ILE F 66 31.21 -18.56 -8.08
C ILE F 66 30.47 -19.88 -8.30
N ALA F 67 29.40 -20.08 -7.55
CA ALA F 67 28.64 -21.32 -7.58
C ALA F 67 28.16 -21.56 -9.00
N PRO F 68 28.16 -22.83 -9.44
CA PRO F 68 27.68 -23.12 -10.78
C PRO F 68 26.17 -22.87 -10.90
N ALA F 69 25.69 -22.75 -12.13
CA ALA F 69 24.26 -22.79 -12.40
C ALA F 69 23.79 -24.22 -12.08
N PRO F 70 22.82 -24.44 -11.35
#